data_4KL5
#
_entry.id   4KL5
#
_cell.length_a   57.555
_cell.length_b   66.700
_cell.length_c   67.486
_cell.angle_alpha   90.00
_cell.angle_beta   90.00
_cell.angle_gamma   90.00
#
_symmetry.space_group_name_H-M   'P 21 21 21'
#
loop_
_entity.id
_entity.type
_entity.pdbx_description
1 polymer 'DNA polymerase III, alpha subunit, Nucleic acid binding, OB-fold, tRNA/helicase-type chimeric construct'
2 non-polymer 'CITRIC ACID'
3 non-polymer GLYCEROL
4 water water
#
_entity_poly.entity_id   1
_entity_poly.type   'polypeptide(L)'
_entity_poly.pdbx_seq_one_letter_code
;SGGALSYETEILTVEYGLLPIGKIVEKRIECTVYSVDNNGNIYTQPVAQWHDRGEQEVFEYCLEDGSLIRATKDHKFMTV
DGQMLPIDEIFERELDLMRVDNLPNIKIATRKYLGKQNVYDIGVERDHNFALKNGFIASNADNG
;
_entity_poly.pdbx_strand_id   A,B
#
loop_
_chem_comp.id
_chem_comp.type
_chem_comp.name
_chem_comp.formula
CIT non-polymer 'CITRIC ACID' 'C6 H8 O7'
GOL non-polymer GLYCEROL 'C3 H8 O3'
#
# COMPACT_ATOMS: atom_id res chain seq x y z
N GLY A 3 15.30 5.08 8.20
CA GLY A 3 13.90 4.78 7.96
C GLY A 3 13.35 5.48 6.72
N ALA A 4 12.14 5.12 6.33
CA ALA A 4 11.61 5.60 5.06
C ALA A 4 10.09 5.48 5.00
N LEU A 5 9.52 6.09 3.96
CA LEU A 5 8.06 6.24 3.81
C LEU A 5 7.63 5.69 2.46
N SER A 6 6.41 5.17 2.40
CA SER A 6 5.90 4.63 1.15
C SER A 6 5.80 5.72 0.06
N TYR A 7 5.93 5.29 -1.19
CA TYR A 7 5.84 6.17 -2.37
C TYR A 7 4.70 7.18 -2.28
N GLU A 8 3.52 6.71 -1.94
CA GLU A 8 2.36 7.59 -2.01
CA GLU A 8 2.31 7.53 -1.97
C GLU A 8 2.15 8.49 -0.80
N THR A 9 3.04 8.41 0.20
CA THR A 9 2.91 9.27 1.38
C THR A 9 2.99 10.74 0.94
N GLU A 10 2.04 11.56 1.38
CA GLU A 10 1.94 12.92 0.83
C GLU A 10 2.58 13.93 1.75
N ILE A 11 3.48 14.72 1.18
CA ILE A 11 4.22 15.73 1.89
C ILE A 11 3.66 17.10 1.57
N LEU A 12 3.48 17.96 2.59
CA LEU A 12 3.05 19.33 2.37
C LEU A 12 4.18 20.18 1.80
N THR A 13 3.92 20.88 0.69
CA THR A 13 4.88 21.80 0.11
C THR A 13 4.27 23.17 -0.12
N VAL A 14 5.11 24.20 -0.03
CA VAL A 14 4.63 25.57 -0.24
C VAL A 14 4.24 25.81 -1.69
N GLU A 15 5.07 25.33 -2.61
CA GLU A 15 4.88 25.62 -4.02
C GLU A 15 3.74 24.81 -4.65
N TYR A 16 3.60 23.56 -4.22
CA TYR A 16 2.80 22.57 -4.99
C TYR A 16 1.67 21.95 -4.16
N GLY A 17 1.57 22.32 -2.89
CA GLY A 17 0.63 21.61 -2.04
C GLY A 17 1.13 20.21 -1.75
N LEU A 18 0.21 19.26 -1.61
CA LEU A 18 0.60 17.88 -1.27
C LEU A 18 1.19 17.15 -2.49
N LEU A 19 2.40 16.59 -2.34
CA LEU A 19 2.99 15.72 -3.37
C LEU A 19 3.42 14.39 -2.76
N PRO A 20 3.29 13.29 -3.51
CA PRO A 20 3.77 11.99 -2.99
C PRO A 20 5.31 12.05 -2.88
N ILE A 21 5.85 11.54 -1.78
CA ILE A 21 7.30 11.63 -1.54
C ILE A 21 8.06 10.86 -2.63
N GLY A 22 7.48 9.78 -3.12
CA GLY A 22 8.12 9.02 -4.20
C GLY A 22 8.34 9.87 -5.46
N LYS A 23 7.41 10.77 -5.76
CA LYS A 23 7.58 11.66 -6.90
C LYS A 23 8.59 12.77 -6.58
N ILE A 24 8.52 13.32 -5.36
CA ILE A 24 9.47 14.34 -4.94
C ILE A 24 10.89 13.78 -5.10
N VAL A 25 11.11 12.54 -4.66
CA VAL A 25 12.45 11.96 -4.78
C VAL A 25 12.82 11.57 -6.20
N GLU A 26 11.92 10.88 -6.90
CA GLU A 26 12.30 10.38 -8.23
C GLU A 26 12.64 11.51 -9.20
N LYS A 27 11.95 12.64 -9.05
CA LYS A 27 12.16 13.79 -9.91
C LYS A 27 13.07 14.82 -9.26
N ARG A 28 13.49 14.54 -8.03
CA ARG A 28 14.33 15.46 -7.26
C ARG A 28 13.73 16.85 -7.30
N ILE A 29 12.45 16.93 -6.91
CA ILE A 29 11.71 18.17 -7.03
C ILE A 29 12.23 19.16 -6.01
N GLU A 30 12.58 20.35 -6.49
CA GLU A 30 12.98 21.44 -5.62
C GLU A 30 11.72 22.03 -4.99
N CYS A 31 11.58 21.91 -3.68
CA CYS A 31 10.37 22.42 -3.07
C CYS A 31 10.63 22.73 -1.61
N THR A 32 9.66 23.38 -0.99
CA THR A 32 9.84 23.85 0.37
C THR A 32 8.83 23.14 1.26
N VAL A 33 9.32 22.55 2.35
CA VAL A 33 8.44 21.77 3.23
C VAL A 33 8.29 22.49 4.57
N TYR A 34 7.43 21.94 5.43
CA TYR A 34 7.17 22.54 6.74
C TYR A 34 7.81 21.73 7.85
N SER A 35 8.51 22.40 8.77
CA SER A 35 9.19 21.74 9.88
C SER A 35 8.75 22.35 11.20
N VAL A 36 9.06 21.67 12.30
CA VAL A 36 8.72 22.18 13.64
CA VAL A 36 8.74 22.21 13.61
C VAL A 36 10.00 22.27 14.47
N ASP A 37 10.18 23.37 15.19
CA ASP A 37 11.36 23.47 16.07
C ASP A 37 11.07 22.96 17.50
N ASN A 38 12.03 23.12 18.41
CA ASN A 38 11.89 22.65 19.80
C ASN A 38 10.85 23.43 20.63
N ASN A 39 10.54 24.64 20.18
CA ASN A 39 9.51 25.45 20.82
C ASN A 39 8.11 25.13 20.26
N GLY A 40 8.06 24.17 19.34
CA GLY A 40 6.82 23.66 18.79
C GLY A 40 6.23 24.58 17.71
N ASN A 41 7.07 25.46 17.16
CA ASN A 41 6.66 26.40 16.12
C ASN A 41 7.02 25.96 14.71
N ILE A 42 6.13 26.26 13.77
CA ILE A 42 6.30 25.84 12.37
C ILE A 42 7.18 26.82 11.60
N TYR A 43 8.02 26.30 10.71
CA TYR A 43 8.73 27.18 9.77
C TYR A 43 8.98 26.39 8.51
N THR A 44 9.38 27.07 7.45
CA THR A 44 9.58 26.36 6.17
C THR A 44 11.08 26.21 5.85
N GLN A 45 11.40 25.17 5.11
CA GLN A 45 12.75 25.04 4.59
C GLN A 45 12.80 24.19 3.34
N PRO A 46 13.79 24.45 2.48
CA PRO A 46 13.89 23.65 1.26
C PRO A 46 14.32 22.23 1.51
N VAL A 47 13.87 21.31 0.66
CA VAL A 47 14.41 19.96 0.65
C VAL A 47 15.88 20.07 0.23
N ALA A 48 16.77 19.44 0.99
CA ALA A 48 18.21 19.49 0.70
C ALA A 48 18.77 18.15 0.22
N GLN A 49 18.14 17.04 0.62
CA GLN A 49 18.52 15.72 0.10
C GLN A 49 17.30 14.91 -0.29
N TRP A 50 17.44 14.13 -1.35
CA TRP A 50 16.38 13.24 -1.82
C TRP A 50 16.87 11.79 -1.74
N HIS A 51 16.19 10.94 -0.98
CA HIS A 51 16.70 9.57 -0.73
C HIS A 51 15.77 8.47 -1.27
N ASP A 52 16.28 7.64 -2.17
CA ASP A 52 15.58 6.44 -2.62
C ASP A 52 16.21 5.28 -1.86
N ARG A 53 15.45 4.70 -0.93
CA ARG A 53 16.02 3.69 -0.02
CA ARG A 53 16.00 3.70 -0.02
C ARG A 53 15.84 2.26 -0.52
N GLY A 54 15.30 2.09 -1.73
CA GLY A 54 15.11 0.74 -2.25
C GLY A 54 13.98 -0.04 -1.57
N GLU A 55 13.92 -1.34 -1.80
CA GLU A 55 12.84 -2.15 -1.23
C GLU A 55 13.08 -2.40 0.26
N GLN A 56 12.11 -1.97 1.08
CA GLN A 56 12.14 -2.22 2.53
C GLN A 56 10.76 -2.67 3.05
N GLU A 57 10.75 -3.31 4.22
CA GLU A 57 9.48 -3.75 4.81
C GLU A 57 8.64 -2.57 5.26
N VAL A 58 7.39 -2.52 4.82
CA VAL A 58 6.50 -1.37 5.12
C VAL A 58 5.34 -1.86 5.97
N PHE A 59 4.98 -1.08 6.99
CA PHE A 59 3.82 -1.35 7.84
C PHE A 59 2.85 -0.20 7.71
N GLU A 60 1.57 -0.54 7.71
CA GLU A 60 0.53 0.45 7.63
C GLU A 60 -0.02 0.72 9.02
N TYR A 61 0.14 1.95 9.48
CA TYR A 61 -0.30 2.30 10.82
C TYR A 61 -1.58 3.08 10.67
N CYS A 62 -2.62 2.62 11.35
CA CYS A 62 -3.93 3.25 11.20
CA CYS A 62 -3.94 3.22 11.21
C CYS A 62 -4.27 3.96 12.49
N LEU A 63 -4.49 5.27 12.37
CA LEU A 63 -4.69 6.17 13.50
C LEU A 63 -6.14 6.10 13.96
N GLU A 64 -6.43 6.64 15.14
CA GLU A 64 -7.78 6.57 15.71
C GLU A 64 -8.80 7.34 14.86
N ASP A 65 -8.31 8.24 14.00
CA ASP A 65 -9.18 9.00 13.11
C ASP A 65 -9.30 8.34 11.73
N GLY A 66 -8.68 7.17 11.58
CA GLY A 66 -8.76 6.41 10.34
C GLY A 66 -7.69 6.75 9.31
N SER A 67 -6.91 7.81 9.56
CA SER A 67 -5.86 8.16 8.61
C SER A 67 -4.76 7.11 8.68
N LEU A 68 -4.01 6.96 7.60
CA LEU A 68 -2.99 5.92 7.51
C LEU A 68 -1.61 6.53 7.28
N ILE A 69 -0.62 5.93 7.93
CA ILE A 69 0.76 6.22 7.65
C ILE A 69 1.45 4.92 7.31
N ARG A 70 2.09 4.87 6.13
CA ARG A 70 2.76 3.67 5.67
C ARG A 70 4.25 3.93 5.65
N ALA A 71 4.95 3.25 6.53
CA ALA A 71 6.35 3.54 6.80
C ALA A 71 7.12 2.30 7.16
N THR A 72 8.45 2.37 7.06
CA THR A 72 9.27 1.39 7.76
C THR A 72 9.09 1.54 9.28
N LYS A 73 9.29 0.46 10.04
CA LYS A 73 9.21 0.49 11.52
C LYS A 73 10.10 1.51 12.16
N ASP A 74 11.25 1.80 11.54
CA ASP A 74 12.23 2.64 12.18
C ASP A 74 12.12 4.12 11.86
N HIS A 75 11.14 4.52 11.05
CA HIS A 75 11.05 5.93 10.74
C HIS A 75 10.49 6.67 11.94
N LYS A 76 11.23 7.68 12.38
CA LYS A 76 10.83 8.44 13.56
C LYS A 76 9.70 9.41 13.21
N PHE A 77 8.87 9.68 14.22
CA PHE A 77 7.81 10.68 14.15
C PHE A 77 7.78 11.40 15.48
N MET A 78 7.21 12.59 15.51
CA MET A 78 7.17 13.36 16.75
C MET A 78 5.98 12.95 17.61
N THR A 79 6.22 12.77 18.91
CA THR A 79 5.14 12.49 19.84
C THR A 79 4.86 13.78 20.61
N VAL A 80 3.94 13.72 21.56
CA VAL A 80 3.53 14.93 22.29
C VAL A 80 4.50 15.45 23.36
N ASP A 81 5.42 14.60 23.84
CA ASP A 81 6.44 15.07 24.78
C ASP A 81 7.59 15.76 24.04
N GLY A 82 7.47 15.80 22.71
CA GLY A 82 8.43 16.44 21.83
C GLY A 82 9.57 15.50 21.45
N GLN A 83 9.42 14.23 21.82
CA GLN A 83 10.39 13.20 21.42
C GLN A 83 10.18 12.76 19.97
N MET A 84 11.28 12.36 19.35
CA MET A 84 11.22 11.79 18.00
C MET A 84 11.52 10.32 18.16
N LEU A 85 10.51 9.48 17.94
CA LEU A 85 10.64 8.06 18.19
C LEU A 85 10.24 7.29 16.95
N PRO A 86 10.86 6.12 16.74
CA PRO A 86 10.45 5.27 15.63
C PRO A 86 8.96 5.02 15.71
N ILE A 87 8.27 5.06 14.58
CA ILE A 87 6.81 4.86 14.57
C ILE A 87 6.35 3.55 15.19
N ASP A 88 7.11 2.47 15.02
CA ASP A 88 6.71 1.22 15.66
C ASP A 88 6.72 1.32 17.18
N GLU A 89 7.68 2.08 17.72
CA GLU A 89 7.77 2.29 19.14
C GLU A 89 6.61 3.13 19.64
N ILE A 90 6.24 4.15 18.85
CA ILE A 90 5.07 4.97 19.15
C ILE A 90 3.82 4.09 19.22
N PHE A 91 3.66 3.22 18.23
CA PHE A 91 2.57 2.26 18.22
C PHE A 91 2.64 1.32 19.43
N GLU A 92 3.80 0.77 19.75
CA GLU A 92 3.86 -0.25 20.80
C GLU A 92 3.66 0.35 22.18
N ARG A 93 4.12 1.59 22.37
CA ARG A 93 4.01 2.25 23.66
C ARG A 93 2.72 3.06 23.77
N GLU A 94 1.90 3.01 22.72
CA GLU A 94 0.61 3.71 22.68
C GLU A 94 0.73 5.20 22.97
N LEU A 95 1.63 5.87 22.26
CA LEU A 95 1.84 7.29 22.50
C LEU A 95 1.07 8.11 21.44
N ASP A 96 0.63 9.29 21.82
CA ASP A 96 -0.02 10.19 20.87
C ASP A 96 1.00 10.81 19.95
N LEU A 97 0.68 10.82 18.65
CA LEU A 97 1.47 11.50 17.62
C LEU A 97 1.21 13.00 17.68
N MET A 98 2.29 13.79 17.62
CA MET A 98 2.16 15.24 17.53
C MET A 98 1.58 15.65 16.18
N ARG A 99 0.65 16.60 16.22
CA ARG A 99 0.24 17.28 14.99
C ARG A 99 0.55 18.77 15.13
N VAL A 100 0.65 19.45 13.99
CA VAL A 100 1.05 20.85 13.96
C VAL A 100 0.12 21.75 14.76
N ASP A 101 0.75 22.70 15.46
CA ASP A 101 0.08 23.66 16.34
C ASP A 101 -1.08 23.13 17.20
N ASN A 102 -2.32 23.41 16.80
CA ASN A 102 -3.44 23.12 17.69
C ASN A 102 -4.38 21.96 17.29
N LEU A 103 -4.06 21.23 16.22
CA LEU A 103 -4.87 20.05 15.85
C LEU A 103 -4.83 19.01 17.00
N PRO A 104 -5.89 18.19 17.16
CA PRO A 104 -5.90 17.21 18.25
C PRO A 104 -4.81 16.15 18.07
N ASN A 105 -4.05 15.87 19.12
CA ASN A 105 -3.06 14.80 19.04
C ASN A 105 -3.76 13.43 19.14
N ILE A 106 -3.33 12.45 18.34
CA ILE A 106 -4.04 11.15 18.38
C ILE A 106 -3.07 9.96 18.33
N LYS A 107 -3.57 8.79 18.76
CA LYS A 107 -2.75 7.58 18.84
C LYS A 107 -2.95 6.65 17.64
N ILE A 108 -2.03 5.70 17.48
CA ILE A 108 -2.16 4.71 16.42
C ILE A 108 -2.98 3.56 16.99
N ALA A 109 -4.05 3.20 16.28
CA ALA A 109 -4.95 2.14 16.71
C ALA A 109 -4.44 0.73 16.35
N THR A 110 -4.03 0.56 15.10
CA THR A 110 -3.63 -0.76 14.60
C THR A 110 -2.43 -0.69 13.65
N ARG A 111 -1.81 -1.86 13.42
CA ARG A 111 -0.65 -1.98 12.53
C ARG A 111 -0.91 -3.20 11.63
N LYS A 112 -0.55 -3.10 10.36
CA LYS A 112 -0.80 -4.13 9.36
C LYS A 112 0.45 -4.20 8.50
N TYR A 113 1.03 -5.38 8.34
CA TYR A 113 2.21 -5.52 7.50
C TYR A 113 1.84 -5.44 6.01
N LEU A 114 2.59 -4.66 5.23
CA LEU A 114 2.31 -4.55 3.80
C LEU A 114 3.37 -5.18 2.91
N GLY A 115 4.39 -5.79 3.51
CA GLY A 115 5.47 -6.40 2.75
C GLY A 115 6.47 -5.36 2.26
N LYS A 116 7.39 -5.79 1.40
CA LYS A 116 8.41 -4.87 0.90
C LYS A 116 7.91 -3.99 -0.24
N GLN A 117 8.24 -2.69 -0.15
CA GLN A 117 7.92 -1.72 -1.19
C GLN A 117 9.13 -0.83 -1.33
N ASN A 118 9.30 -0.23 -2.51
CA ASN A 118 10.32 0.79 -2.64
C ASN A 118 9.95 2.00 -1.77
N VAL A 119 10.87 2.45 -0.91
CA VAL A 119 10.54 3.53 0.02
C VAL A 119 11.51 4.70 -0.09
N TYR A 120 11.13 5.83 0.50
CA TYR A 120 11.79 7.12 0.25
C TYR A 120 11.96 7.94 1.52
N ASP A 121 12.89 8.89 1.49
CA ASP A 121 13.01 9.86 2.58
C ASP A 121 13.50 11.16 1.99
N ILE A 122 13.31 12.26 2.72
CA ILE A 122 13.94 13.50 2.29
C ILE A 122 14.75 14.04 3.46
N GLY A 123 15.73 14.86 3.14
CA GLY A 123 16.56 15.49 4.16
C GLY A 123 16.41 17.00 4.09
N VAL A 124 16.47 17.63 5.28
CA VAL A 124 16.49 19.08 5.39
C VAL A 124 17.66 19.49 6.28
N GLU A 125 17.96 20.78 6.32
CA GLU A 125 19.19 21.25 6.98
C GLU A 125 19.07 21.54 8.48
N ARG A 126 17.92 22.02 8.95
N ARG A 126 17.91 22.07 8.90
CA ARG A 126 17.82 22.39 10.37
CA ARG A 126 17.63 22.37 10.30
C ARG A 126 17.30 21.25 11.28
C ARG A 126 16.58 21.38 10.82
N ASP A 127 16.04 21.32 11.68
N ASP A 127 16.70 21.01 12.09
CA ASP A 127 15.52 20.34 12.67
CA ASP A 127 15.72 20.19 12.81
C ASP A 127 15.38 18.86 12.28
C ASP A 127 15.45 18.77 12.30
N HIS A 128 15.57 18.54 11.00
CA HIS A 128 15.41 17.18 10.47
C HIS A 128 14.03 16.58 10.68
N ASN A 129 13.00 17.36 10.34
CA ASN A 129 11.65 16.83 10.31
C ASN A 129 10.84 17.56 9.22
N PHE A 130 9.69 16.99 8.87
CA PHE A 130 8.85 17.58 7.81
C PHE A 130 7.42 17.10 8.00
N ALA A 131 6.46 17.94 7.63
CA ALA A 131 5.05 17.66 7.84
C ALA A 131 4.43 16.88 6.68
N LEU A 132 3.61 15.88 7.03
CA LEU A 132 2.83 15.11 6.05
C LEU A 132 1.43 15.67 6.02
N LYS A 133 0.63 15.20 5.06
CA LYS A 133 -0.82 15.42 5.08
C LYS A 133 -1.35 15.13 6.48
N ASN A 134 -2.26 15.99 6.95
CA ASN A 134 -2.91 15.88 8.27
C ASN A 134 -2.08 16.35 9.44
N GLY A 135 -0.86 16.82 9.15
CA GLY A 135 -0.08 17.53 10.15
C GLY A 135 0.83 16.66 11.01
N PHE A 136 1.01 15.41 10.60
CA PHE A 136 1.96 14.52 11.27
C PHE A 136 3.38 14.99 10.97
N ILE A 137 4.29 14.80 11.92
CA ILE A 137 5.66 15.30 11.76
C ILE A 137 6.64 14.11 11.67
N ALA A 138 7.15 13.85 10.47
CA ALA A 138 8.11 12.76 10.23
C ALA A 138 9.50 13.29 10.53
N SER A 139 10.35 12.48 11.16
CA SER A 139 11.65 12.96 11.64
C SER A 139 12.79 11.99 11.31
N ASN A 140 13.98 12.56 11.14
CA ASN A 140 15.22 11.78 11.03
C ASN A 140 16.35 12.39 11.88
N ALA A 141 15.97 12.94 13.03
CA ALA A 141 16.93 13.49 13.99
C ALA A 141 17.78 12.40 14.63
N ASP A 142 18.85 12.82 15.30
CA ASP A 142 19.82 11.91 15.93
C ASP A 142 20.49 10.98 14.91
CA SER B 1 4.51 -12.78 -17.97
C SER B 1 3.32 -13.06 -17.05
N GLY B 2 2.24 -12.30 -17.23
CA GLY B 2 1.01 -12.53 -16.46
C GLY B 2 0.81 -11.58 -15.29
N GLY B 3 1.79 -10.71 -15.04
CA GLY B 3 1.62 -9.75 -13.96
C GLY B 3 1.59 -10.38 -12.57
N ALA B 4 1.09 -9.64 -11.60
CA ALA B 4 1.15 -10.04 -10.20
C ALA B 4 0.29 -9.14 -9.32
N LEU B 5 0.12 -9.53 -8.05
CA LEU B 5 -0.76 -8.84 -7.14
C LEU B 5 0.05 -8.31 -5.97
N SER B 6 -0.43 -7.23 -5.36
CA SER B 6 0.25 -6.65 -4.20
CA SER B 6 0.21 -6.62 -4.19
C SER B 6 0.18 -7.57 -3.00
N TYR B 7 1.16 -7.47 -2.13
CA TYR B 7 1.21 -8.24 -0.88
C TYR B 7 -0.12 -8.35 -0.15
N GLU B 8 -0.78 -7.20 0.02
CA GLU B 8 -1.92 -7.10 0.91
C GLU B 8 -3.22 -7.55 0.25
N THR B 9 -3.15 -7.98 -1.00
CA THR B 9 -4.35 -8.46 -1.70
C THR B 9 -4.92 -9.65 -0.94
N GLU B 10 -6.18 -9.55 -0.51
CA GLU B 10 -6.74 -10.64 0.34
C GLU B 10 -7.36 -11.77 -0.49
N ILE B 11 -6.93 -12.99 -0.19
CA ILE B 11 -7.41 -14.20 -0.88
C ILE B 11 -8.31 -14.98 0.07
N LEU B 12 -9.44 -15.45 -0.41
CA LEU B 12 -10.28 -16.26 0.47
C LEU B 12 -9.76 -17.70 0.56
N THR B 13 -9.60 -18.20 1.78
CA THR B 13 -9.19 -19.58 2.03
C THR B 13 -10.19 -20.25 2.95
N VAL B 14 -10.35 -21.57 2.81
CA VAL B 14 -11.34 -22.29 3.58
C VAL B 14 -10.89 -22.42 5.03
N GLU B 15 -9.59 -22.65 5.23
CA GLU B 15 -9.08 -22.94 6.56
C GLU B 15 -8.93 -21.69 7.42
N TYR B 16 -8.63 -20.57 6.78
CA TYR B 16 -8.21 -19.37 7.53
C TYR B 16 -8.99 -18.12 7.20
N GLY B 17 -9.95 -18.20 6.28
CA GLY B 17 -10.59 -16.99 5.82
C GLY B 17 -9.68 -16.16 4.93
N LEU B 18 -9.85 -14.84 4.96
CA LEU B 18 -9.05 -13.99 4.10
C LEU B 18 -7.60 -13.90 4.59
N LEU B 19 -6.67 -14.15 3.68
CA LEU B 19 -5.24 -13.98 3.97
C LEU B 19 -4.60 -13.12 2.88
N PRO B 20 -3.67 -12.25 3.26
CA PRO B 20 -2.87 -11.51 2.26
C PRO B 20 -2.09 -12.50 1.39
N ILE B 21 -2.08 -12.29 0.08
CA ILE B 21 -1.40 -13.22 -0.83
C ILE B 21 0.08 -13.22 -0.55
N GLY B 22 0.60 -12.10 -0.10
CA GLY B 22 2.02 -12.01 0.21
C GLY B 22 2.39 -12.90 1.41
N LYS B 23 1.50 -12.99 2.39
CA LYS B 23 1.71 -13.86 3.53
C LYS B 23 1.62 -15.32 3.12
N ILE B 24 0.64 -15.65 2.28
CA ILE B 24 0.52 -17.00 1.75
C ILE B 24 1.83 -17.44 1.09
N VAL B 25 2.39 -16.56 0.25
CA VAL B 25 3.63 -16.86 -0.46
C VAL B 25 4.87 -16.81 0.43
N GLU B 26 5.04 -15.75 1.21
CA GLU B 26 6.26 -15.64 2.01
C GLU B 26 6.37 -16.76 3.07
N LYS B 27 5.23 -17.13 3.64
CA LYS B 27 5.20 -18.19 4.67
C LYS B 27 4.86 -19.56 4.10
N ARG B 28 4.70 -19.64 2.77
CA ARG B 28 4.36 -20.90 2.08
C ARG B 28 3.20 -21.61 2.81
N ILE B 29 2.11 -20.87 2.99
CA ILE B 29 0.97 -21.39 3.70
C ILE B 29 0.22 -22.40 2.83
N GLU B 30 0.10 -23.62 3.34
CA GLU B 30 -0.69 -24.65 2.68
CA GLU B 30 -0.70 -24.65 2.70
C GLU B 30 -2.16 -24.39 3.01
N CYS B 31 -2.95 -24.13 1.99
CA CYS B 31 -4.33 -23.74 2.23
C CYS B 31 -5.12 -23.94 0.95
N THR B 32 -6.44 -23.79 1.07
CA THR B 32 -7.37 -24.16 0.02
C THR B 32 -8.07 -22.91 -0.44
N VAL B 33 -7.99 -22.62 -1.74
CA VAL B 33 -8.60 -21.40 -2.26
C VAL B 33 -9.87 -21.72 -3.05
N TYR B 34 -10.54 -20.68 -3.53
CA TYR B 34 -11.74 -20.83 -4.35
C TYR B 34 -11.45 -20.45 -5.80
N SER B 35 -11.96 -21.22 -6.76
CA SER B 35 -11.72 -20.96 -8.17
C SER B 35 -13.03 -21.11 -8.93
N VAL B 36 -13.08 -20.61 -10.15
CA VAL B 36 -14.26 -20.78 -10.98
CA VAL B 36 -14.27 -20.84 -10.96
C VAL B 36 -13.92 -21.67 -12.19
N ASP B 37 -14.80 -22.60 -12.53
CA ASP B 37 -14.52 -23.57 -13.59
C ASP B 37 -15.01 -23.08 -14.95
N ASN B 38 -14.96 -23.98 -15.95
CA ASN B 38 -15.35 -23.64 -17.32
C ASN B 38 -16.81 -23.19 -17.49
N ASN B 39 -17.66 -23.59 -16.54
CA ASN B 39 -19.08 -23.28 -16.59
C ASN B 39 -19.46 -22.13 -15.64
N GLY B 40 -18.45 -21.57 -15.01
CA GLY B 40 -18.65 -20.42 -14.14
C GLY B 40 -19.01 -20.83 -12.72
N ASN B 41 -18.84 -22.11 -12.40
CA ASN B 41 -19.20 -22.63 -11.06
C ASN B 41 -18.01 -22.66 -10.10
N ILE B 42 -18.27 -22.35 -8.82
CA ILE B 42 -17.19 -22.29 -7.83
C ILE B 42 -16.73 -23.69 -7.40
N TYR B 43 -15.44 -23.87 -7.15
CA TYR B 43 -14.99 -25.06 -6.45
C TYR B 43 -13.75 -24.70 -5.67
N THR B 44 -13.33 -25.57 -4.77
CA THR B 44 -12.15 -25.28 -3.96
C THR B 44 -10.99 -26.16 -4.40
N GLN B 45 -9.77 -25.67 -4.19
CA GLN B 45 -8.58 -26.44 -4.52
C GLN B 45 -7.34 -25.92 -3.79
N PRO B 46 -6.32 -26.80 -3.59
CA PRO B 46 -5.18 -26.32 -2.82
C PRO B 46 -4.31 -25.35 -3.60
N VAL B 47 -3.62 -24.48 -2.87
CA VAL B 47 -2.52 -23.74 -3.46
C VAL B 47 -1.46 -24.76 -3.89
N ALA B 48 -1.00 -24.65 -5.14
CA ALA B 48 -0.06 -25.63 -5.68
C ALA B 48 1.34 -25.05 -5.82
N GLN B 49 1.41 -23.73 -6.03
CA GLN B 49 2.71 -23.06 -6.13
C GLN B 49 2.60 -21.69 -5.50
N TRP B 50 3.72 -21.24 -4.93
CA TRP B 50 3.78 -20.00 -4.20
C TRP B 50 4.80 -19.14 -4.94
N HIS B 51 4.34 -18.09 -5.63
CA HIS B 51 5.21 -17.33 -6.53
C HIS B 51 5.58 -15.95 -5.99
N ASP B 52 6.87 -15.74 -5.76
CA ASP B 52 7.41 -14.42 -5.50
C ASP B 52 7.76 -13.86 -6.89
N ARG B 53 7.01 -12.86 -7.32
CA ARG B 53 7.15 -12.33 -8.69
CA ARG B 53 7.15 -12.35 -8.68
C ARG B 53 8.06 -11.12 -8.76
N GLY B 54 8.76 -10.85 -7.66
CA GLY B 54 9.79 -9.81 -7.68
C GLY B 54 9.25 -8.41 -7.69
N GLU B 55 10.07 -7.46 -8.12
CA GLU B 55 9.70 -6.05 -8.03
C GLU B 55 8.98 -5.60 -9.30
N GLN B 56 7.79 -5.03 -9.14
CA GLN B 56 7.04 -4.48 -10.26
C GLN B 56 6.31 -3.19 -9.88
N GLU B 57 5.89 -2.43 -10.90
CA GLU B 57 5.09 -1.25 -10.63
C GLU B 57 3.66 -1.62 -10.30
N VAL B 58 3.14 -1.10 -9.20
CA VAL B 58 1.80 -1.42 -8.74
C VAL B 58 0.85 -0.23 -8.86
N PHE B 59 -0.37 -0.51 -9.30
CA PHE B 59 -1.41 0.51 -9.39
C PHE B 59 -2.57 0.13 -8.52
N GLU B 60 -3.18 1.12 -7.88
CA GLU B 60 -4.35 0.91 -7.05
C GLU B 60 -5.61 1.27 -7.83
N TYR B 61 -6.47 0.28 -8.02
CA TYR B 61 -7.70 0.49 -8.78
C TYR B 61 -8.80 0.55 -7.75
N CYS B 62 -9.54 1.66 -7.75
CA CYS B 62 -10.61 1.84 -6.78
C CYS B 62 -11.93 1.66 -7.52
N LEU B 63 -12.74 0.72 -7.03
CA LEU B 63 -13.95 0.33 -7.74
C LEU B 63 -15.11 1.21 -7.34
N GLU B 64 -16.20 1.08 -8.09
CA GLU B 64 -17.37 1.91 -7.86
C GLU B 64 -17.97 1.72 -6.46
N ASP B 65 -17.74 0.56 -5.84
CA ASP B 65 -18.30 0.29 -4.52
C ASP B 65 -17.27 0.62 -3.44
N GLY B 66 -16.11 1.11 -3.86
CA GLY B 66 -15.08 1.46 -2.90
C GLY B 66 -14.06 0.34 -2.69
N SER B 67 -14.29 -0.85 -3.27
CA SER B 67 -13.29 -1.91 -3.15
C SER B 67 -11.96 -1.43 -3.76
N LEU B 68 -10.83 -1.89 -3.20
CA LEU B 68 -9.52 -1.56 -3.74
C LEU B 68 -8.81 -2.82 -4.23
N ILE B 69 -8.28 -2.77 -5.45
CA ILE B 69 -7.45 -3.85 -5.97
C ILE B 69 -6.11 -3.25 -6.35
N ARG B 70 -5.05 -3.73 -5.73
CA ARG B 70 -3.73 -3.22 -6.05
C ARG B 70 -2.97 -4.32 -6.78
N ALA B 71 -2.57 -4.06 -8.02
CA ALA B 71 -1.99 -5.09 -8.89
C ALA B 71 -1.13 -4.43 -9.96
N THR B 72 -0.36 -5.24 -10.68
CA THR B 72 0.33 -4.76 -11.86
C THR B 72 -0.70 -4.55 -12.96
N LYS B 73 -0.41 -3.63 -13.88
CA LYS B 73 -1.37 -3.29 -14.95
C LYS B 73 -1.77 -4.51 -15.74
N ASP B 74 -0.85 -5.46 -15.86
CA ASP B 74 -1.07 -6.57 -16.77
C ASP B 74 -1.75 -7.80 -16.15
N HIS B 75 -1.97 -7.81 -14.84
CA HIS B 75 -2.63 -8.95 -14.21
C HIS B 75 -4.07 -9.11 -14.66
N LYS B 76 -4.40 -10.31 -15.14
CA LYS B 76 -5.73 -10.59 -15.68
C LYS B 76 -6.76 -10.82 -14.57
N PHE B 77 -7.97 -10.32 -14.84
CA PHE B 77 -9.11 -10.57 -13.98
C PHE B 77 -10.30 -10.94 -14.83
N MET B 78 -11.28 -11.58 -14.21
CA MET B 78 -12.45 -12.05 -14.98
C MET B 78 -13.39 -10.85 -15.21
N THR B 79 -13.87 -10.73 -16.45
CA THR B 79 -14.88 -9.73 -16.81
C THR B 79 -16.07 -10.52 -17.41
N VAL B 80 -16.97 -9.87 -18.15
CA VAL B 80 -18.16 -10.56 -18.65
C VAL B 80 -17.94 -11.81 -19.55
N ASP B 81 -18.93 -12.69 -19.58
CA ASP B 81 -18.90 -13.92 -20.37
C ASP B 81 -17.64 -14.77 -20.13
N GLY B 82 -17.07 -14.69 -18.93
CA GLY B 82 -15.94 -15.53 -18.55
C GLY B 82 -14.57 -15.14 -19.07
N GLN B 83 -14.50 -14.00 -19.76
CA GLN B 83 -13.25 -13.54 -20.36
C GLN B 83 -12.27 -13.06 -19.29
N MET B 84 -10.97 -13.34 -19.47
CA MET B 84 -9.92 -12.83 -18.57
C MET B 84 -9.11 -11.78 -19.30
N LEU B 85 -9.05 -10.58 -18.75
CA LEU B 85 -8.34 -9.46 -19.40
C LEU B 85 -7.49 -8.73 -18.38
N PRO B 86 -6.41 -8.07 -18.85
CA PRO B 86 -5.59 -7.26 -17.93
C PRO B 86 -6.45 -6.23 -17.21
N ILE B 87 -6.17 -6.03 -15.93
CA ILE B 87 -6.97 -5.10 -15.15
C ILE B 87 -6.89 -3.69 -15.71
N ASP B 88 -5.75 -3.32 -16.30
CA ASP B 88 -5.64 -1.97 -16.81
C ASP B 88 -6.54 -1.77 -18.01
N GLU B 89 -6.74 -2.82 -18.80
CA GLU B 89 -7.64 -2.77 -19.95
C GLU B 89 -9.10 -2.74 -19.49
N ILE B 90 -9.42 -3.50 -18.44
CA ILE B 90 -10.78 -3.47 -17.87
C ILE B 90 -11.05 -2.02 -17.46
N PHE B 91 -10.06 -1.38 -16.82
CA PHE B 91 -10.21 0.01 -16.40
C PHE B 91 -10.36 0.93 -17.59
N GLU B 92 -9.49 0.81 -18.58
CA GLU B 92 -9.49 1.77 -19.69
C GLU B 92 -10.76 1.68 -20.55
N ARG B 93 -11.25 0.46 -20.74
CA ARG B 93 -12.43 0.27 -21.58
C ARG B 93 -13.73 0.26 -20.75
N GLU B 94 -13.61 0.58 -19.45
CA GLU B 94 -14.76 0.67 -18.56
C GLU B 94 -15.65 -0.59 -18.55
N LEU B 95 -15.01 -1.76 -18.42
CA LEU B 95 -15.68 -3.04 -18.35
C LEU B 95 -15.97 -3.38 -16.90
N ASP B 96 -16.95 -4.24 -16.67
CA ASP B 96 -17.24 -4.68 -15.31
C ASP B 96 -16.28 -5.78 -14.93
N LEU B 97 -15.85 -5.77 -13.66
CA LEU B 97 -15.22 -6.97 -13.08
C LEU B 97 -16.29 -7.98 -12.67
N MET B 98 -16.12 -9.24 -13.07
CA MET B 98 -17.04 -10.28 -12.67
C MET B 98 -16.86 -10.65 -11.21
N ARG B 99 -17.96 -10.92 -10.53
CA ARG B 99 -17.85 -11.52 -9.20
C ARG B 99 -18.52 -12.89 -9.25
N VAL B 100 -18.20 -13.76 -8.29
CA VAL B 100 -18.67 -15.14 -8.34
C VAL B 100 -20.18 -15.29 -8.38
N ASP B 101 -20.64 -16.40 -8.98
CA ASP B 101 -22.06 -16.73 -9.04
C ASP B 101 -22.96 -15.59 -9.53
N ASN B 102 -23.97 -15.27 -8.74
CA ASN B 102 -24.97 -14.28 -9.14
C ASN B 102 -24.78 -12.88 -8.53
N LEU B 103 -23.63 -12.64 -7.94
CA LEU B 103 -23.36 -11.32 -7.37
C LEU B 103 -23.28 -10.27 -8.47
N PRO B 104 -23.78 -9.06 -8.20
CA PRO B 104 -23.67 -7.99 -9.20
C PRO B 104 -22.22 -7.68 -9.55
N ASN B 105 -21.98 -7.46 -10.83
CA ASN B 105 -20.65 -7.10 -11.25
C ASN B 105 -20.36 -5.62 -10.94
N ILE B 106 -19.08 -5.26 -10.85
CA ILE B 106 -18.73 -3.89 -10.45
C ILE B 106 -17.63 -3.31 -11.35
N LYS B 107 -17.78 -2.04 -11.76
CA LYS B 107 -16.77 -1.34 -12.57
C LYS B 107 -15.67 -0.68 -11.74
N ILE B 108 -14.54 -0.38 -12.39
CA ILE B 108 -13.46 0.34 -11.74
C ILE B 108 -13.68 1.85 -11.95
N ALA B 109 -13.60 2.63 -10.88
CA ALA B 109 -13.79 4.10 -10.99
C ALA B 109 -12.49 4.86 -11.29
N THR B 110 -11.41 4.52 -10.59
CA THR B 110 -10.16 5.30 -10.66
C THR B 110 -8.91 4.45 -10.56
N ARG B 111 -7.79 4.99 -11.04
CA ARG B 111 -6.49 4.32 -10.92
C ARG B 111 -5.48 5.29 -10.30
N LYS B 112 -4.69 4.80 -9.36
CA LYS B 112 -3.64 5.59 -8.71
C LYS B 112 -2.30 4.82 -8.72
N TYR B 113 -1.21 5.51 -8.98
CA TYR B 113 0.11 4.87 -8.97
C TYR B 113 0.66 4.71 -7.56
N LEU B 114 1.15 3.50 -7.24
CA LEU B 114 1.65 3.23 -5.91
C LEU B 114 3.18 3.03 -5.88
N GLY B 115 3.79 3.02 -7.06
CA GLY B 115 5.23 2.80 -7.20
C GLY B 115 5.63 1.33 -7.22
N LYS B 116 6.94 1.07 -7.15
CA LYS B 116 7.43 -0.31 -7.21
C LYS B 116 7.30 -1.00 -5.87
N GLN B 117 6.95 -2.28 -5.90
CA GLN B 117 6.79 -3.09 -4.67
C GLN B 117 7.09 -4.54 -5.02
N ASN B 118 7.40 -5.37 -4.03
CA ASN B 118 7.49 -6.80 -4.29
C ASN B 118 6.08 -7.37 -4.42
N VAL B 119 5.87 -8.14 -5.48
CA VAL B 119 4.51 -8.62 -5.81
C VAL B 119 4.48 -10.13 -5.95
N TYR B 120 3.27 -10.68 -6.07
CA TYR B 120 3.06 -12.10 -5.81
C TYR B 120 2.02 -12.72 -6.70
N ASP B 121 2.03 -14.05 -6.77
CA ASP B 121 0.90 -14.75 -7.35
C ASP B 121 0.86 -16.13 -6.76
N ILE B 122 -0.25 -16.83 -6.93
CA ILE B 122 -0.24 -18.23 -6.56
C ILE B 122 -0.64 -19.12 -7.74
N GLY B 123 -0.15 -20.37 -7.71
CA GLY B 123 -0.49 -21.33 -8.74
C GLY B 123 -1.50 -22.32 -8.21
N VAL B 124 -2.48 -22.68 -9.04
CA VAL B 124 -3.41 -23.74 -8.70
C VAL B 124 -3.37 -24.75 -9.84
N GLU B 125 -3.81 -25.97 -9.59
CA GLU B 125 -3.67 -27.03 -10.60
C GLU B 125 -4.62 -26.88 -11.79
N ARG B 126 -5.85 -26.46 -11.52
CA ARG B 126 -6.89 -26.38 -12.55
C ARG B 126 -7.35 -24.94 -12.75
N ASP B 127 -7.63 -24.56 -14.00
CA ASP B 127 -8.27 -23.28 -14.33
C ASP B 127 -7.49 -21.98 -14.09
N HIS B 128 -6.42 -22.01 -13.31
CA HIS B 128 -5.55 -20.85 -13.18
C HIS B 128 -6.27 -19.57 -12.74
N ASN B 129 -7.14 -19.71 -11.76
CA ASN B 129 -7.74 -18.51 -11.17
C ASN B 129 -8.08 -18.79 -9.73
N PHE B 130 -8.29 -17.72 -8.96
CA PHE B 130 -8.73 -17.83 -7.57
C PHE B 130 -9.48 -16.57 -7.17
N ALA B 131 -10.25 -16.68 -6.10
CA ALA B 131 -11.14 -15.55 -5.68
C ALA B 131 -10.47 -14.64 -4.66
N LEU B 132 -10.70 -13.34 -4.81
CA LEU B 132 -10.30 -12.34 -3.79
C LEU B 132 -11.47 -12.00 -2.87
N LYS B 133 -11.17 -11.25 -1.80
CA LYS B 133 -12.20 -10.57 -1.04
C LYS B 133 -13.19 -9.89 -1.95
N ASN B 134 -14.47 -10.07 -1.60
CA ASN B 134 -15.64 -9.56 -2.32
C ASN B 134 -15.92 -10.28 -3.64
N GLY B 135 -15.22 -11.41 -3.89
CA GLY B 135 -15.63 -12.31 -4.97
C GLY B 135 -15.09 -12.04 -6.37
N PHE B 136 -14.11 -11.14 -6.50
CA PHE B 136 -13.43 -10.90 -7.78
C PHE B 136 -12.57 -12.11 -8.09
N ILE B 137 -12.32 -12.33 -9.38
CA ILE B 137 -11.55 -13.51 -9.79
C ILE B 137 -10.27 -13.12 -10.51
N ALA B 138 -9.13 -13.49 -9.92
CA ALA B 138 -7.83 -13.16 -10.49
C ALA B 138 -7.36 -14.33 -11.30
N SER B 139 -6.75 -14.09 -12.46
CA SER B 139 -6.33 -15.19 -13.34
C SER B 139 -4.86 -15.09 -13.71
N ASN B 140 -4.20 -16.24 -13.85
CA ASN B 140 -2.78 -16.22 -14.24
C ASN B 140 -2.48 -17.24 -15.34
N ALA B 141 -3.48 -17.53 -16.17
CA ALA B 141 -3.33 -18.51 -17.25
C ALA B 141 -2.17 -18.16 -18.16
N ASP B 142 -2.08 -16.89 -18.52
CA ASP B 142 -1.03 -16.38 -19.41
C ASP B 142 -0.95 -17.17 -20.72
C1 CIT C . 22.88 11.99 -4.65
O1 CIT C . 22.74 12.61 -5.74
O2 CIT C . 23.32 12.62 -3.66
C2 CIT C . 22.52 10.53 -4.57
C3 CIT C . 21.47 10.22 -3.49
O7 CIT C . 20.31 11.09 -3.66
C4 CIT C . 21.11 8.75 -3.58
C5 CIT C . 19.88 8.45 -2.75
O3 CIT C . 19.94 8.57 -1.50
O4 CIT C . 18.83 8.08 -3.31
C6 CIT C . 22.04 10.46 -2.10
O5 CIT C . 23.04 9.83 -1.71
O6 CIT C . 21.47 11.32 -1.35
C1 CIT D . 7.91 19.89 -11.08
O1 CIT D . 8.90 20.23 -10.42
O2 CIT D . 8.09 19.32 -12.18
C2 CIT D . 6.50 20.15 -10.58
C3 CIT D . 5.66 18.88 -10.61
O7 CIT D . 6.54 17.74 -10.75
C4 CIT D . 4.91 18.72 -9.27
C5 CIT D . 3.42 18.90 -9.42
O3 CIT D . 2.90 20.03 -9.24
O4 CIT D . 2.69 17.92 -9.68
C6 CIT D . 4.68 18.90 -11.78
O5 CIT D . 4.43 17.85 -12.42
O6 CIT D . 4.12 19.96 -12.13
C1 GOL E . -2.21 -19.52 9.08
O1 GOL E . -0.90 -20.00 9.24
C2 GOL E . -2.39 -18.17 9.77
O2 GOL E . -1.84 -17.14 8.97
C3 GOL E . -3.89 -17.92 10.02
O3 GOL E . -4.14 -16.54 10.19
#